data_4XU2
#
_entry.id   4XU2
#
_cell.length_a   63.753
_cell.length_b   68.875
_cell.length_c   115.609
_cell.angle_alpha   90.0
_cell.angle_beta   90.0
_cell.angle_gamma   90.0
#
_symmetry.space_group_name_H-M   'P 21 21 21'
#
loop_
_entity.id
_entity.type
_entity.pdbx_description
1 polymer 'Bifunctional ligase/repressor BirA'
2 non-polymer "3',5'-dideoxy-5'-[({5-[(3aS,4S,6aR)-2-oxohexahydro-1H-thieno[3,4-d]imidazol-4-yl]pentanoyl}sulfamoyl)amino]adenosine"
3 water water
#
_entity_poly.entity_id   1
_entity_poly.type   'polypeptide(L)'
_entity_poly.pdbx_seq_one_letter_code
;GSHMVTDRDRLRPPLDERSLRDQLIGAGSGWRQLDVVAQTGSTNADLLARAASGADIDGVVLIAEHQTAGRGRHGRGWAA
TARAQIILSVGVRVVDVPVQAWGWLSLAAGLAVLDSVAPLIAVPPAETGLKWPNDVLARGGKLAGILAEVAQPFVVLGVG
LNVTQAPEEVDPDATSLLDLGVAAPDRNRIASRLLRELEARIIQWRNANPQLAADYRARSLTIGSRVRVELPGGQDVVGI
ARDIDDQGRLCLDVGGRTVVVSAGDVVHLR
;
_entity_poly.pdbx_strand_id   A,B
#
loop_
_chem_comp.id
_chem_comp.type
_chem_comp.name
_chem_comp.formula
44Q non-polymer 3',5'-dideoxy-5'-[({5-[(3aS,4S,6aR)-2-oxohexahydro-1H-thieno[3,4-d]imidazol-4-yl]pentanoyl}sulfamoyl)amino]adenosine 'C20 H29 N9 O6 S2'
#
# COMPACT_ATOMS: atom_id res chain seq x y z
N ASP A 7 8.64 -13.81 -46.53
CA ASP A 7 9.31 -13.78 -45.22
C ASP A 7 8.47 -14.48 -44.16
N ARG A 8 8.11 -13.75 -43.11
CA ARG A 8 7.31 -14.32 -42.03
C ARG A 8 5.83 -14.44 -42.41
N ASP A 9 5.48 -13.87 -43.55
CA ASP A 9 4.09 -13.90 -44.02
C ASP A 9 3.65 -15.32 -44.34
N ARG A 10 4.62 -16.16 -44.73
CA ARG A 10 4.36 -17.57 -45.00
C ARG A 10 4.12 -18.34 -43.70
N LEU A 11 4.53 -17.75 -42.59
CA LEU A 11 4.36 -18.37 -41.28
C LEU A 11 3.13 -17.83 -40.57
N ARG A 12 2.28 -17.13 -41.32
CA ARG A 12 1.09 -16.50 -40.75
C ARG A 12 -0.20 -16.86 -41.48
N PRO A 13 -0.65 -18.12 -41.34
CA PRO A 13 -1.94 -18.51 -41.91
C PRO A 13 -3.11 -17.92 -41.12
N PRO A 14 -4.28 -17.79 -41.76
CA PRO A 14 -5.44 -17.23 -41.06
C PRO A 14 -5.99 -18.15 -39.97
N LEU A 15 -6.76 -17.58 -39.06
CA LEU A 15 -7.41 -18.35 -38.00
C LEU A 15 -8.61 -19.11 -38.54
N ASP A 16 -8.95 -20.21 -37.89
CA ASP A 16 -10.13 -21.00 -38.25
C ASP A 16 -11.24 -20.75 -37.24
N GLU A 17 -12.15 -19.85 -37.57
CA GLU A 17 -13.24 -19.46 -36.67
C GLU A 17 -14.16 -20.65 -36.36
N ARG A 18 -14.50 -21.42 -37.39
CA ARG A 18 -15.37 -22.57 -37.23
C ARG A 18 -14.77 -23.60 -36.27
N SER A 19 -13.48 -23.85 -36.41
CA SER A 19 -12.79 -24.81 -35.56
C SER A 19 -12.74 -24.34 -34.11
N LEU A 20 -12.47 -23.05 -33.91
CA LEU A 20 -12.39 -22.48 -32.58
C LEU A 20 -13.74 -22.54 -31.86
N ARG A 21 -14.81 -22.31 -32.61
CA ARG A 21 -16.16 -22.37 -32.06
C ARG A 21 -16.52 -23.78 -31.62
N ASP A 22 -16.15 -24.77 -32.43
CA ASP A 22 -16.46 -26.16 -32.13
C ASP A 22 -15.74 -26.64 -30.88
N GLN A 23 -14.53 -26.13 -30.66
CA GLN A 23 -13.72 -26.54 -29.52
C GLN A 23 -14.13 -25.84 -28.23
N LEU A 24 -14.49 -24.56 -28.35
CA LEU A 24 -14.60 -23.69 -27.17
C LEU A 24 -16.04 -23.35 -26.79
N ILE A 25 -17.00 -23.66 -27.65
CA ILE A 25 -18.39 -23.38 -27.35
C ILE A 25 -19.21 -24.66 -27.27
N GLY A 26 -19.80 -24.90 -26.10
CA GLY A 26 -20.59 -26.09 -25.88
C GLY A 26 -20.55 -26.52 -24.43
N ALA A 27 -20.99 -27.75 -24.16
CA ALA A 27 -21.02 -28.28 -22.81
C ALA A 27 -19.62 -28.39 -22.23
N GLY A 28 -19.46 -27.98 -20.98
CA GLY A 28 -18.18 -28.03 -20.30
C GLY A 28 -17.37 -26.75 -20.44
N SER A 29 -17.85 -25.85 -21.29
CA SER A 29 -17.16 -24.58 -21.52
C SER A 29 -18.05 -23.40 -21.15
N GLY A 30 -17.43 -22.32 -20.67
CA GLY A 30 -18.16 -21.14 -20.24
C GLY A 30 -18.30 -20.08 -21.31
N TRP A 31 -17.58 -20.25 -22.42
CA TRP A 31 -17.64 -19.29 -23.51
C TRP A 31 -18.95 -19.45 -24.29
N ARG A 32 -19.66 -18.34 -24.47
CA ARG A 32 -20.98 -18.38 -25.11
C ARG A 32 -20.93 -17.95 -26.57
N GLN A 33 -19.98 -17.10 -26.91
CA GLN A 33 -19.89 -16.54 -28.25
C GLN A 33 -18.43 -16.27 -28.64
N LEU A 34 -18.09 -16.60 -29.89
CA LEU A 34 -16.76 -16.36 -30.40
C LEU A 34 -16.81 -15.88 -31.85
N ASP A 35 -16.17 -14.74 -32.11
CA ASP A 35 -16.12 -14.19 -33.45
C ASP A 35 -14.70 -13.81 -33.83
N VAL A 36 -14.34 -14.09 -35.09
CA VAL A 36 -13.04 -13.68 -35.62
C VAL A 36 -13.24 -12.65 -36.72
N VAL A 37 -12.82 -11.42 -36.47
CA VAL A 37 -12.95 -10.36 -37.47
C VAL A 37 -11.62 -10.14 -38.18
N ALA A 38 -11.70 -9.73 -39.45
CA ALA A 38 -10.50 -9.51 -40.25
C ALA A 38 -9.70 -8.33 -39.73
N GLN A 39 -10.39 -7.28 -39.31
CA GLN A 39 -9.75 -6.05 -38.90
C GLN A 39 -10.66 -5.17 -38.06
N THR A 40 -10.09 -4.51 -37.06
CA THR A 40 -10.83 -3.55 -36.24
C THR A 40 -9.89 -2.54 -35.62
N GLY A 41 -10.44 -1.46 -35.08
CA GLY A 41 -9.65 -0.46 -34.39
C GLY A 41 -9.10 -1.00 -33.09
N SER A 42 -9.99 -1.50 -32.23
CA SER A 42 -9.59 -2.09 -30.96
C SER A 42 -10.65 -3.07 -30.48
N THR A 43 -10.23 -4.31 -30.23
CA THR A 43 -11.15 -5.35 -29.77
C THR A 43 -11.73 -4.99 -28.40
N ASN A 44 -10.93 -4.34 -27.57
CA ASN A 44 -11.40 -3.86 -26.28
C ASN A 44 -12.49 -2.82 -26.44
N ALA A 45 -12.26 -1.86 -27.32
CA ALA A 45 -13.23 -0.81 -27.58
C ALA A 45 -14.54 -1.37 -28.11
N ASP A 46 -14.43 -2.41 -28.95
CA ASP A 46 -15.60 -3.03 -29.56
C ASP A 46 -16.50 -3.70 -28.53
N LEU A 47 -15.91 -4.46 -27.62
CA LEU A 47 -16.69 -5.14 -26.58
C LEU A 47 -17.26 -4.14 -25.58
N LEU A 48 -16.50 -3.07 -25.32
CA LEU A 48 -16.99 -1.99 -24.47
C LEU A 48 -18.19 -1.32 -25.11
N ALA A 49 -18.15 -1.20 -26.44
CA ALA A 49 -19.22 -0.58 -27.20
C ALA A 49 -20.48 -1.44 -27.19
N ARG A 50 -20.31 -2.75 -27.27
CA ARG A 50 -21.44 -3.67 -27.20
C ARG A 50 -22.14 -3.54 -25.84
N ALA A 51 -21.35 -3.57 -24.78
CA ALA A 51 -21.88 -3.47 -23.43
C ALA A 51 -22.56 -2.13 -23.20
N ALA A 52 -22.04 -1.09 -23.83
CA ALA A 52 -22.59 0.25 -23.71
C ALA A 52 -23.96 0.34 -24.38
N SER A 53 -24.23 -0.58 -25.31
CA SER A 53 -25.51 -0.60 -26.01
C SER A 53 -26.45 -1.65 -25.42
N GLY A 54 -26.07 -2.21 -24.27
CA GLY A 54 -26.95 -3.10 -23.54
C GLY A 54 -26.71 -4.59 -23.75
N ALA A 55 -25.63 -4.94 -24.43
CA ALA A 55 -25.33 -6.34 -24.70
C ALA A 55 -24.72 -7.04 -23.49
N ASP A 56 -25.08 -8.30 -23.31
CA ASP A 56 -24.49 -9.14 -22.27
C ASP A 56 -23.22 -9.78 -22.81
N ILE A 57 -22.07 -9.25 -22.41
CA ILE A 57 -20.80 -9.69 -22.98
C ILE A 57 -20.07 -10.72 -22.13
N ASP A 58 -20.74 -11.23 -21.10
CA ASP A 58 -20.15 -12.25 -20.24
C ASP A 58 -19.90 -13.53 -21.03
N GLY A 59 -18.64 -13.95 -21.09
CA GLY A 59 -18.28 -15.15 -21.82
C GLY A 59 -18.23 -14.96 -23.32
N VAL A 60 -18.19 -13.70 -23.75
CA VAL A 60 -18.11 -13.39 -25.17
C VAL A 60 -16.66 -13.15 -25.60
N VAL A 61 -16.25 -13.81 -26.68
CA VAL A 61 -14.88 -13.70 -27.18
C VAL A 61 -14.83 -13.01 -28.53
N LEU A 62 -13.95 -12.02 -28.65
CA LEU A 62 -13.73 -11.33 -29.92
C LEU A 62 -12.26 -11.39 -30.32
N ILE A 63 -11.97 -11.98 -31.47
CA ILE A 63 -10.61 -12.09 -31.96
C ILE A 63 -10.44 -11.32 -33.28
N ALA A 64 -9.35 -10.57 -33.39
CA ALA A 64 -9.07 -9.81 -34.61
C ALA A 64 -7.77 -10.26 -35.25
N GLU A 65 -7.79 -10.50 -36.55
CA GLU A 65 -6.58 -10.85 -37.28
C GLU A 65 -5.63 -9.65 -37.33
N HIS A 66 -6.20 -8.46 -37.38
CA HIS A 66 -5.42 -7.22 -37.43
C HIS A 66 -6.08 -6.15 -36.59
N GLN A 67 -5.26 -5.31 -35.96
CA GLN A 67 -5.77 -4.24 -35.10
C GLN A 67 -5.04 -2.94 -35.40
N THR A 68 -5.78 -1.92 -35.84
CA THR A 68 -5.18 -0.71 -36.38
C THR A 68 -5.04 0.43 -35.37
N ALA A 69 -5.80 0.36 -34.27
CA ALA A 69 -5.75 1.40 -33.25
C ALA A 69 -5.74 0.80 -31.86
N GLY A 70 -4.80 -0.12 -31.61
CA GLY A 70 -4.71 -0.82 -30.35
C GLY A 70 -4.50 0.07 -29.15
N ARG A 71 -5.03 -0.34 -28.02
CA ARG A 71 -4.90 0.42 -26.78
C ARG A 71 -3.92 -0.22 -25.82
N GLY A 72 -3.07 0.60 -25.22
CA GLY A 72 -2.18 0.15 -24.16
C GLY A 72 -2.66 0.73 -22.84
N ARG A 73 -1.91 0.48 -21.76
CA ARG A 73 -2.26 1.03 -20.46
C ARG A 73 -1.85 2.50 -20.38
N HIS A 74 -2.58 3.26 -19.57
CA HIS A 74 -2.29 4.67 -19.31
C HIS A 74 -2.23 5.53 -20.57
N GLY A 75 -3.19 5.30 -21.47
CA GLY A 75 -3.32 6.11 -22.66
C GLY A 75 -2.32 5.80 -23.75
N ARG A 76 -1.51 4.77 -23.53
CA ARG A 76 -0.53 4.36 -24.53
C ARG A 76 -1.18 3.50 -25.60
N GLY A 77 -0.38 3.07 -26.58
CA GLY A 77 -0.91 2.31 -27.69
C GLY A 77 -0.39 0.88 -27.78
N TRP A 78 -0.90 0.15 -28.77
CA TRP A 78 -0.47 -1.22 -29.02
C TRP A 78 -0.39 -1.44 -30.53
N ALA A 79 0.80 -1.79 -31.01
CA ALA A 79 1.03 -1.96 -32.45
C ALA A 79 0.89 -3.42 -32.86
N ALA A 80 0.51 -3.64 -34.12
CA ALA A 80 0.33 -4.98 -34.65
C ALA A 80 0.30 -4.99 -36.17
N THR A 81 0.70 -6.12 -36.74
CA THR A 81 0.51 -6.37 -38.17
C THR A 81 -0.40 -7.57 -38.33
N ALA A 82 -0.97 -7.74 -39.52
CA ALA A 82 -1.97 -8.77 -39.75
C ALA A 82 -1.46 -10.18 -39.51
N ARG A 83 -2.23 -10.96 -38.76
CA ARG A 83 -1.98 -12.38 -38.53
C ARG A 83 -0.65 -12.69 -37.82
N ALA A 84 -0.06 -11.67 -37.20
CA ALA A 84 1.22 -11.84 -36.52
C ALA A 84 1.04 -12.05 -35.03
N GLN A 85 -0.17 -11.74 -34.53
CA GLN A 85 -0.46 -11.88 -33.12
C GLN A 85 -1.75 -12.65 -32.88
N ILE A 86 -1.95 -13.07 -31.64
CA ILE A 86 -3.27 -13.43 -31.16
C ILE A 86 -3.83 -12.19 -30.47
N ILE A 87 -4.84 -11.60 -31.08
CA ILE A 87 -5.42 -10.34 -30.60
C ILE A 87 -6.87 -10.58 -30.19
N LEU A 88 -7.13 -10.61 -28.88
CA LEU A 88 -8.49 -10.91 -28.44
C LEU A 88 -8.92 -10.14 -27.20
N SER A 89 -10.23 -10.04 -27.04
CA SER A 89 -10.83 -9.49 -25.84
C SER A 89 -11.96 -10.40 -25.39
N VAL A 90 -12.14 -10.52 -24.07
CA VAL A 90 -13.23 -11.28 -23.51
C VAL A 90 -14.01 -10.45 -22.49
N GLY A 91 -15.29 -10.76 -22.34
CA GLY A 91 -16.12 -10.06 -21.37
C GLY A 91 -16.31 -10.88 -20.12
N VAL A 92 -16.20 -10.23 -18.96
CA VAL A 92 -16.33 -10.91 -17.67
C VAL A 92 -17.26 -10.14 -16.75
N ARG A 93 -18.33 -10.79 -16.29
CA ARG A 93 -19.21 -10.19 -15.29
C ARG A 93 -18.50 -10.17 -13.95
N VAL A 94 -18.43 -9.00 -13.32
CA VAL A 94 -17.63 -8.84 -12.11
C VAL A 94 -18.39 -8.22 -10.95
N VAL A 95 -19.64 -7.84 -11.18
CA VAL A 95 -20.43 -7.14 -10.16
C VAL A 95 -20.72 -8.03 -8.94
N ASP A 96 -20.65 -9.34 -9.13
CA ASP A 96 -20.88 -10.29 -8.05
C ASP A 96 -19.64 -10.44 -7.16
N VAL A 97 -18.56 -9.81 -7.57
CA VAL A 97 -17.30 -9.88 -6.84
C VAL A 97 -16.95 -8.51 -6.27
N PRO A 98 -16.55 -8.46 -4.99
CA PRO A 98 -16.12 -7.21 -4.32
C PRO A 98 -15.11 -6.43 -5.16
N VAL A 99 -15.27 -5.11 -5.20
CA VAL A 99 -14.48 -4.26 -6.06
C VAL A 99 -12.99 -4.29 -5.71
N GLN A 100 -12.68 -4.59 -4.45
CA GLN A 100 -11.29 -4.65 -4.00
C GLN A 100 -10.50 -5.78 -4.67
N ALA A 101 -11.20 -6.77 -5.21
CA ALA A 101 -10.55 -7.95 -5.75
C ALA A 101 -10.48 -7.94 -7.28
N TRP A 102 -10.98 -6.88 -7.90
CA TRP A 102 -11.03 -6.79 -9.35
C TRP A 102 -9.62 -6.69 -9.96
N GLY A 103 -8.67 -6.20 -9.18
CA GLY A 103 -7.29 -6.08 -9.63
C GLY A 103 -6.64 -7.42 -9.91
N TRP A 104 -7.10 -8.46 -9.24
CA TRP A 104 -6.53 -9.79 -9.41
C TRP A 104 -6.98 -10.46 -10.70
N LEU A 105 -8.10 -9.99 -11.25
CA LEU A 105 -8.59 -10.50 -12.52
C LEU A 105 -7.56 -10.21 -13.61
N SER A 106 -6.94 -9.05 -13.52
CA SER A 106 -5.91 -8.63 -14.47
CA SER A 106 -5.92 -8.64 -14.47
C SER A 106 -4.69 -9.53 -14.38
N LEU A 107 -4.28 -9.85 -13.15
CA LEU A 107 -3.11 -10.70 -12.93
C LEU A 107 -3.39 -12.14 -13.36
N ALA A 108 -4.64 -12.56 -13.20
CA ALA A 108 -5.05 -13.91 -13.59
C ALA A 108 -4.93 -14.12 -15.10
N ALA A 109 -5.23 -13.06 -15.85
CA ALA A 109 -5.17 -13.12 -17.31
C ALA A 109 -3.74 -13.33 -17.80
N GLY A 110 -2.79 -12.62 -17.18
CA GLY A 110 -1.40 -12.76 -17.54
C GLY A 110 -0.89 -14.16 -17.27
N LEU A 111 -1.33 -14.73 -16.15
CA LEU A 111 -0.95 -16.08 -15.77
C LEU A 111 -1.44 -17.10 -16.79
N ALA A 112 -2.67 -16.91 -17.26
CA ALA A 112 -3.27 -17.81 -18.25
C ALA A 112 -2.51 -17.76 -19.58
N VAL A 113 -2.15 -16.55 -20.01
CA VAL A 113 -1.42 -16.38 -21.25
C VAL A 113 -0.05 -17.07 -21.18
N LEU A 114 0.62 -16.90 -20.05
CA LEU A 114 1.94 -17.49 -19.85
C LEU A 114 1.88 -19.01 -19.89
N ASP A 115 0.93 -19.59 -19.15
CA ASP A 115 0.82 -21.05 -19.08
C ASP A 115 0.41 -21.67 -20.42
N SER A 116 -0.21 -20.87 -21.29
CA SER A 116 -0.68 -21.39 -22.57
C SER A 116 0.46 -21.55 -23.58
N VAL A 117 1.56 -20.83 -23.38
CA VAL A 117 2.65 -20.85 -24.34
C VAL A 117 3.98 -21.34 -23.73
N ALA A 118 4.01 -21.42 -22.41
CA ALA A 118 5.23 -21.81 -21.69
C ALA A 118 5.85 -23.14 -22.15
N PRO A 119 5.04 -24.19 -22.38
CA PRO A 119 5.68 -25.43 -22.84
C PRO A 119 6.41 -25.30 -24.17
N LEU A 120 5.91 -24.42 -25.05
CA LEU A 120 6.53 -24.24 -26.36
C LEU A 120 7.90 -23.55 -26.26
N ILE A 121 8.04 -22.70 -25.26
CA ILE A 121 9.28 -21.94 -25.07
C ILE A 121 10.36 -22.80 -24.40
N PRO A 124 13.81 -22.62 -22.78
CA PRO A 124 13.45 -21.93 -21.54
C PRO A 124 14.55 -21.00 -21.07
N PRO A 125 14.69 -19.82 -21.70
CA PRO A 125 15.75 -18.86 -21.36
C PRO A 125 15.49 -18.15 -20.04
N ALA A 126 16.45 -17.35 -19.59
CA ALA A 126 16.33 -16.60 -18.35
C ALA A 126 15.30 -15.50 -18.48
N GLU A 127 14.80 -15.03 -17.33
CA GLU A 127 13.79 -13.99 -17.26
C GLU A 127 12.54 -14.35 -18.08
N THR A 128 11.95 -15.50 -17.77
CA THR A 128 10.72 -15.93 -18.41
C THR A 128 9.60 -16.09 -17.38
N GLY A 129 8.61 -15.21 -17.44
CA GLY A 129 7.53 -15.22 -16.48
C GLY A 129 6.68 -13.96 -16.54
N LEU A 130 6.20 -13.53 -15.38
CA LEU A 130 5.30 -12.38 -15.31
C LEU A 130 5.94 -11.17 -14.64
N LYS A 131 5.89 -10.03 -15.32
CA LYS A 131 6.30 -8.77 -14.71
C LYS A 131 5.05 -7.98 -14.30
N TRP A 132 5.03 -7.53 -13.05
CA TRP A 132 3.90 -6.79 -12.52
C TRP A 132 3.70 -5.49 -13.30
N PRO A 133 2.44 -5.18 -13.66
CA PRO A 133 1.25 -5.98 -13.38
C PRO A 133 0.98 -7.04 -14.44
N ASN A 134 0.74 -6.60 -15.67
CA ASN A 134 0.38 -7.52 -16.76
C ASN A 134 1.37 -7.54 -17.92
N ASP A 135 2.57 -8.05 -17.65
CA ASP A 135 3.55 -8.25 -18.70
C ASP A 135 4.03 -9.69 -18.70
N VAL A 136 3.85 -10.36 -19.83
CA VAL A 136 4.41 -11.69 -20.02
C VAL A 136 5.79 -11.54 -20.65
N LEU A 137 6.83 -11.87 -19.89
CA LEU A 137 8.21 -11.69 -20.36
C LEU A 137 8.88 -13.01 -20.70
N ALA A 138 9.77 -12.96 -21.67
CA ALA A 138 10.59 -14.10 -22.04
C ALA A 138 11.91 -13.62 -22.62
N ARG A 139 13.01 -14.05 -22.01
CA ARG A 139 14.35 -13.62 -22.41
C ARG A 139 14.49 -12.10 -22.34
N GLY A 140 13.73 -11.50 -21.44
CA GLY A 140 13.79 -10.05 -21.22
C GLY A 140 12.81 -9.26 -22.08
N GLY A 141 12.31 -9.88 -23.14
CA GLY A 141 11.41 -9.20 -24.06
C GLY A 141 9.95 -9.35 -23.70
N LYS A 142 9.14 -8.39 -24.12
CA LYS A 142 7.70 -8.44 -23.84
C LYS A 142 6.97 -9.31 -24.86
N LEU A 143 6.53 -10.47 -24.41
CA LEU A 143 5.87 -11.44 -25.28
C LEU A 143 4.38 -11.14 -25.41
N ALA A 144 3.78 -10.62 -24.34
CA ALA A 144 2.36 -10.33 -24.34
C ALA A 144 2.01 -9.19 -23.38
N GLY A 145 0.97 -8.43 -23.73
CA GLY A 145 0.48 -7.36 -22.89
C GLY A 145 -1.01 -7.49 -22.67
N ILE A 146 -1.46 -7.15 -21.46
CA ILE A 146 -2.86 -7.31 -21.10
C ILE A 146 -3.47 -6.00 -20.61
N LEU A 147 -4.67 -5.68 -21.12
CA LEU A 147 -5.38 -4.48 -20.71
C LEU A 147 -6.78 -4.81 -20.20
N ALA A 148 -7.07 -4.36 -18.99
CA ALA A 148 -8.39 -4.57 -18.41
C ALA A 148 -9.13 -3.24 -18.28
N GLU A 149 -10.36 -3.20 -18.79
CA GLU A 149 -11.15 -1.98 -18.76
C GLU A 149 -12.54 -2.24 -18.18
N VAL A 150 -13.08 -1.25 -17.48
CA VAL A 150 -14.34 -1.42 -16.75
C VAL A 150 -15.54 -0.89 -17.53
N ALA A 151 -16.56 -1.72 -17.66
CA ALA A 151 -17.85 -1.33 -18.21
C ALA A 151 -18.95 -2.05 -17.44
N GLN A 152 -19.33 -1.48 -16.30
CA GLN A 152 -20.29 -2.09 -15.38
C GLN A 152 -21.53 -2.64 -16.08
N PRO A 153 -21.93 -3.87 -15.73
CA PRO A 153 -21.31 -4.69 -14.69
C PRO A 153 -20.19 -5.61 -15.19
N PHE A 154 -19.47 -5.18 -16.22
CA PHE A 154 -18.47 -6.05 -16.84
C PHE A 154 -17.05 -5.49 -16.74
N VAL A 155 -16.08 -6.38 -16.91
CA VAL A 155 -14.69 -6.00 -17.14
C VAL A 155 -14.26 -6.65 -18.46
N VAL A 156 -13.70 -5.84 -19.36
CA VAL A 156 -13.21 -6.37 -20.63
C VAL A 156 -11.71 -6.62 -20.55
N LEU A 157 -11.32 -7.89 -20.70
CA LEU A 157 -9.92 -8.28 -20.67
C LEU A 157 -9.36 -8.39 -22.07
N GLY A 158 -8.32 -7.61 -22.36
CA GLY A 158 -7.69 -7.64 -23.67
C GLY A 158 -6.32 -8.27 -23.65
N VAL A 159 -6.03 -9.12 -24.63
CA VAL A 159 -4.76 -9.80 -24.70
C VAL A 159 -4.10 -9.62 -26.07
N GLY A 160 -2.86 -9.14 -26.07
CA GLY A 160 -2.08 -9.04 -27.28
C GLY A 160 -0.85 -9.90 -27.14
N LEU A 161 -0.83 -11.03 -27.85
CA LEU A 161 0.26 -11.99 -27.74
C LEU A 161 1.04 -12.09 -29.05
N ASN A 162 2.33 -11.75 -29.00
CA ASN A 162 3.17 -11.81 -30.18
C ASN A 162 3.54 -13.25 -30.54
N VAL A 163 2.96 -13.74 -31.64
CA VAL A 163 3.22 -15.10 -32.09
C VAL A 163 4.41 -15.15 -33.05
N THR A 164 4.29 -14.42 -34.16
CA THR A 164 5.38 -14.32 -35.13
C THR A 164 5.75 -12.86 -35.37
N GLN A 165 5.16 -11.98 -34.56
CA GLN A 165 5.39 -10.54 -34.68
C GLN A 165 6.85 -10.17 -34.43
N ALA A 166 7.49 -9.58 -35.44
CA ALA A 166 8.87 -9.13 -35.29
C ALA A 166 8.92 -7.85 -34.46
N PRO A 167 9.91 -7.76 -33.55
CA PRO A 167 10.09 -6.58 -32.69
C PRO A 167 10.25 -5.29 -33.49
N GLU A 168 10.88 -5.38 -34.65
CA GLU A 168 11.09 -4.22 -35.50
C GLU A 168 9.78 -3.70 -36.09
N GLU A 169 8.73 -4.52 -36.02
CA GLU A 169 7.43 -4.14 -36.54
C GLU A 169 6.57 -3.41 -35.50
N VAL A 170 6.89 -3.59 -34.22
CA VAL A 170 6.03 -3.07 -33.16
C VAL A 170 6.75 -2.30 -32.07
N ASP A 171 7.84 -2.85 -31.54
CA ASP A 171 8.54 -2.25 -30.40
C ASP A 171 9.90 -2.91 -30.17
N PRO A 172 10.93 -2.10 -29.89
CA PRO A 172 12.29 -2.61 -29.69
C PRO A 172 12.43 -3.53 -28.46
N ASP A 173 11.55 -3.37 -27.49
CA ASP A 173 11.59 -4.19 -26.28
C ASP A 173 10.68 -5.41 -26.38
N ALA A 174 10.13 -5.65 -27.57
CA ALA A 174 9.20 -6.75 -27.77
C ALA A 174 9.92 -8.04 -28.14
N THR A 175 9.18 -9.14 -28.06
CA THR A 175 9.66 -10.45 -28.53
C THR A 175 8.45 -11.27 -28.96
N SER A 176 8.70 -12.41 -29.59
CA SER A 176 7.62 -13.29 -30.04
C SER A 176 8.02 -14.75 -29.89
N LEU A 177 7.04 -15.64 -30.01
CA LEU A 177 7.32 -17.08 -29.93
C LEU A 177 8.32 -17.50 -30.99
N LEU A 178 8.19 -16.94 -32.18
CA LEU A 178 9.10 -17.22 -33.28
C LEU A 178 10.52 -16.78 -32.95
N ASP A 179 10.64 -15.60 -32.34
CA ASP A 179 11.95 -15.07 -31.96
C ASP A 179 12.51 -15.79 -30.73
N LEU A 180 11.67 -16.59 -30.08
CA LEU A 180 12.11 -17.36 -28.92
C LEU A 180 12.56 -18.76 -29.32
N GLY A 181 12.37 -19.11 -30.58
CA GLY A 181 12.83 -20.39 -31.08
C GLY A 181 11.74 -21.29 -31.63
N VAL A 182 10.48 -20.90 -31.41
CA VAL A 182 9.35 -21.67 -31.92
C VAL A 182 9.21 -21.47 -33.43
N ALA A 183 9.66 -22.45 -34.20
CA ALA A 183 9.77 -22.34 -35.66
C ALA A 183 8.41 -22.18 -36.36
N ALA A 184 7.46 -23.03 -36.00
CA ALA A 184 6.15 -22.99 -36.65
C ALA A 184 5.01 -22.98 -35.63
N PRO A 185 4.77 -21.83 -35.00
CA PRO A 185 3.70 -21.71 -34.02
C PRO A 185 2.31 -21.71 -34.68
N ASP A 186 1.39 -22.49 -34.12
CA ASP A 186 0.04 -22.60 -34.64
C ASP A 186 -0.91 -21.77 -33.80
N ARG A 187 -1.34 -20.62 -34.34
CA ARG A 187 -2.20 -19.70 -33.60
C ARG A 187 -3.54 -20.33 -33.22
N ASN A 188 -4.04 -21.23 -34.06
CA ASN A 188 -5.30 -21.91 -33.77
C ASN A 188 -5.19 -22.77 -32.52
N ARG A 189 -4.09 -23.50 -32.39
CA ARG A 189 -3.85 -24.33 -31.22
C ARG A 189 -3.58 -23.48 -29.98
N ILE A 190 -2.82 -22.40 -30.16
CA ILE A 190 -2.46 -21.54 -29.04
C ILE A 190 -3.65 -20.76 -28.52
N ALA A 191 -4.47 -20.24 -29.43
CA ALA A 191 -5.67 -19.49 -29.04
C ALA A 191 -6.63 -20.37 -28.25
N SER A 192 -6.73 -21.64 -28.65
CA SER A 192 -7.56 -22.60 -27.94
C SER A 192 -7.03 -22.84 -26.53
N ARG A 193 -5.72 -23.06 -26.43
CA ARG A 193 -5.10 -23.27 -25.13
C ARG A 193 -5.26 -22.06 -24.23
N LEU A 194 -5.09 -20.86 -24.81
CA LEU A 194 -5.18 -19.62 -24.05
C LEU A 194 -6.56 -19.43 -23.43
N LEU A 195 -7.61 -19.65 -24.22
CA LEU A 195 -8.96 -19.41 -23.76
C LEU A 195 -9.43 -20.46 -22.73
N ARG A 196 -8.88 -21.67 -22.80
CA ARG A 196 -9.22 -22.68 -21.82
C ARG A 196 -8.49 -22.40 -20.51
N GLU A 197 -7.25 -21.92 -20.59
CA GLU A 197 -6.51 -21.50 -19.41
C GLU A 197 -7.19 -20.29 -18.76
N LEU A 198 -7.62 -19.37 -19.61
CA LEU A 198 -8.26 -18.14 -19.16
C LEU A 198 -9.55 -18.41 -18.40
N GLU A 199 -10.35 -19.34 -18.92
CA GLU A 199 -11.61 -19.72 -18.27
C GLU A 199 -11.37 -20.25 -16.86
N ALA A 200 -10.36 -21.09 -16.73
CA ALA A 200 -10.03 -21.67 -15.43
C ALA A 200 -9.60 -20.61 -14.43
N ARG A 201 -8.75 -19.68 -14.86
CA ARG A 201 -8.25 -18.63 -13.97
C ARG A 201 -9.34 -17.65 -13.57
N ILE A 202 -10.28 -17.38 -14.47
CA ILE A 202 -11.41 -16.51 -14.18
C ILE A 202 -12.30 -17.14 -13.11
N ILE A 203 -12.55 -18.43 -13.23
CA ILE A 203 -13.34 -19.16 -12.25
C ILE A 203 -12.66 -19.15 -10.89
N GLN A 204 -11.34 -19.34 -10.88
CA GLN A 204 -10.55 -19.28 -9.65
C GLN A 204 -10.64 -17.90 -9.01
N TRP A 205 -10.55 -16.87 -9.83
CA TRP A 205 -10.64 -15.50 -9.33
C TRP A 205 -12.01 -15.22 -8.73
N ARG A 206 -13.06 -15.70 -9.38
CA ARG A 206 -14.43 -15.46 -8.95
C ARG A 206 -14.70 -16.13 -7.59
N ASN A 207 -14.04 -17.26 -7.35
CA ASN A 207 -14.25 -18.00 -6.11
C ASN A 207 -13.13 -17.78 -5.09
N ALA A 208 -12.28 -16.79 -5.37
CA ALA A 208 -11.19 -16.42 -4.48
C ALA A 208 -10.29 -17.61 -4.13
N ASN A 209 -9.98 -18.42 -5.13
CA ASN A 209 -9.14 -19.60 -4.94
C ASN A 209 -7.70 -19.20 -4.63
N PRO A 210 -7.18 -19.66 -3.48
CA PRO A 210 -5.82 -19.35 -3.03
C PRO A 210 -4.74 -19.77 -4.02
N GLN A 211 -5.03 -20.76 -4.87
CA GLN A 211 -4.06 -21.26 -5.82
C GLN A 211 -3.70 -20.20 -6.86
N LEU A 212 -4.64 -19.30 -7.14
CA LEU A 212 -4.40 -18.23 -8.11
C LEU A 212 -3.23 -17.35 -7.70
N ALA A 213 -3.25 -16.89 -6.45
CA ALA A 213 -2.17 -16.05 -5.92
C ALA A 213 -0.87 -16.84 -5.81
N ALA A 214 -1.00 -18.12 -5.42
CA ALA A 214 0.16 -18.99 -5.26
C ALA A 214 0.84 -19.24 -6.61
N ASP A 215 0.03 -19.49 -7.63
CA ASP A 215 0.58 -19.74 -8.97
C ASP A 215 1.20 -18.48 -9.56
N TYR A 216 0.61 -17.32 -9.28
CA TYR A 216 1.14 -16.06 -9.78
C TYR A 216 2.53 -15.80 -9.21
N ARG A 217 2.68 -15.99 -7.91
CA ARG A 217 3.95 -15.74 -7.23
C ARG A 217 5.04 -16.69 -7.71
N ALA A 218 4.63 -17.87 -8.16
CA ALA A 218 5.57 -18.87 -8.67
C ALA A 218 6.17 -18.47 -10.02
N ARG A 219 5.43 -17.68 -10.79
CA ARG A 219 5.88 -17.27 -12.11
C ARG A 219 6.35 -15.81 -12.12
N SER A 220 6.34 -15.18 -10.94
CA SER A 220 6.67 -13.76 -10.85
C SER A 220 8.16 -13.49 -11.05
N LEU A 221 8.47 -12.59 -11.98
CA LEU A 221 9.84 -12.16 -12.20
C LEU A 221 10.14 -10.90 -11.39
N THR A 222 9.08 -10.27 -10.90
CA THR A 222 9.20 -9.00 -10.19
C THR A 222 9.51 -9.20 -8.70
N ILE A 223 8.79 -10.12 -8.07
CA ILE A 223 8.95 -10.37 -6.64
C ILE A 223 10.37 -10.81 -6.31
N GLY A 224 11.02 -10.06 -5.42
CA GLY A 224 12.37 -10.38 -4.98
C GLY A 224 13.45 -9.65 -5.77
N SER A 225 13.03 -8.86 -6.74
CA SER A 225 13.97 -8.16 -7.60
CA SER A 225 13.97 -8.16 -7.60
C SER A 225 14.02 -6.66 -7.29
N ARG A 226 15.18 -6.06 -7.51
CA ARG A 226 15.33 -4.61 -7.39
C ARG A 226 14.61 -3.96 -8.55
N VAL A 227 13.72 -3.01 -8.26
CA VAL A 227 12.90 -2.41 -9.31
C VAL A 227 12.86 -0.88 -9.23
N ARG A 228 12.69 -0.26 -10.38
CA ARG A 228 12.30 1.14 -10.44
C ARG A 228 10.88 1.21 -10.96
N VAL A 229 9.98 1.72 -10.12
CA VAL A 229 8.57 1.81 -10.50
C VAL A 229 8.21 3.22 -10.92
N GLU A 230 7.78 3.37 -12.17
CA GLU A 230 7.38 4.66 -12.69
C GLU A 230 5.89 4.88 -12.46
N LEU A 231 5.58 5.71 -11.48
CA LEU A 231 4.20 5.95 -11.06
C LEU A 231 3.47 6.86 -12.03
N PRO A 232 2.13 6.77 -12.07
CA PRO A 232 1.33 7.74 -12.83
C PRO A 232 1.61 9.16 -12.33
N GLY A 233 1.95 10.06 -13.24
CA GLY A 233 2.29 11.42 -12.85
C GLY A 233 3.75 11.73 -13.07
N GLY A 234 4.55 10.70 -13.35
CA GLY A 234 5.94 10.88 -13.71
C GLY A 234 6.96 10.58 -12.63
N GLN A 235 6.49 10.32 -11.41
CA GLN A 235 7.41 10.05 -10.30
C GLN A 235 7.97 8.65 -10.35
N ASP A 236 9.23 8.51 -9.95
CA ASP A 236 9.89 7.21 -9.90
C ASP A 236 10.17 6.80 -8.46
N VAL A 237 10.00 5.53 -8.17
CA VAL A 237 10.32 4.98 -6.85
C VAL A 237 11.18 3.73 -6.98
N VAL A 238 12.35 3.75 -6.34
CA VAL A 238 13.27 2.61 -6.39
C VAL A 238 13.23 1.82 -5.08
N GLY A 239 13.07 0.50 -5.20
CA GLY A 239 13.07 -0.37 -4.04
C GLY A 239 13.17 -1.82 -4.44
N ILE A 240 12.76 -2.72 -3.53
CA ILE A 240 12.74 -4.14 -3.84
C ILE A 240 11.33 -4.70 -3.68
N ALA A 241 10.81 -5.29 -4.75
CA ALA A 241 9.50 -5.89 -4.73
C ALA A 241 9.47 -7.11 -3.80
N ARG A 242 8.49 -7.15 -2.92
CA ARG A 242 8.43 -8.21 -1.91
C ARG A 242 7.23 -9.12 -2.07
N ASP A 243 6.07 -8.55 -2.35
CA ASP A 243 4.84 -9.34 -2.44
C ASP A 243 3.72 -8.64 -3.18
N ILE A 244 2.62 -9.35 -3.37
CA ILE A 244 1.39 -8.78 -3.93
C ILE A 244 0.27 -8.92 -2.90
N ASP A 245 -0.44 -7.84 -2.61
CA ASP A 245 -1.48 -7.89 -1.59
C ASP A 245 -2.77 -8.48 -2.14
N ASP A 246 -3.84 -8.41 -1.35
CA ASP A 246 -5.12 -9.02 -1.71
C ASP A 246 -5.88 -8.20 -2.74
N GLN A 247 -5.35 -7.04 -3.10
CA GLN A 247 -5.98 -6.19 -4.11
C GLN A 247 -5.20 -6.21 -5.42
N GLY A 248 -4.16 -7.02 -5.47
CA GLY A 248 -3.34 -7.14 -6.66
C GLY A 248 -2.30 -6.03 -6.77
N ARG A 249 -2.06 -5.34 -5.66
CA ARG A 249 -1.12 -4.22 -5.65
C ARG A 249 0.30 -4.68 -5.29
N LEU A 250 1.28 -3.99 -5.83
CA LEU A 250 2.69 -4.36 -5.62
C LEU A 250 3.24 -3.77 -4.34
N CYS A 251 3.77 -4.63 -3.48
CA CYS A 251 4.37 -4.20 -2.22
C CYS A 251 5.87 -4.01 -2.37
N LEU A 252 6.34 -2.78 -2.15
CA LEU A 252 7.75 -2.45 -2.32
C LEU A 252 8.46 -2.23 -0.98
N ASP A 253 9.70 -2.66 -0.91
CA ASP A 253 10.56 -2.36 0.23
C ASP A 253 11.48 -1.20 -0.11
N VAL A 254 11.25 -0.05 0.51
CA VAL A 254 12.06 1.13 0.26
C VAL A 254 12.84 1.51 1.51
N GLY A 255 14.02 0.93 1.67
CA GLY A 255 14.87 1.20 2.81
C GLY A 255 14.22 0.84 4.14
N GLY A 256 13.43 -0.22 4.15
CA GLY A 256 12.78 -0.67 5.36
C GLY A 256 11.32 -0.24 5.43
N ARG A 257 10.94 0.72 4.58
CA ARG A 257 9.58 1.21 4.55
C ARG A 257 8.76 0.46 3.51
N THR A 258 7.46 0.31 3.77
CA THR A 258 6.57 -0.37 2.84
C THR A 258 5.81 0.63 1.97
N VAL A 259 5.96 0.50 0.66
CA VAL A 259 5.24 1.32 -0.29
C VAL A 259 4.39 0.45 -1.21
N VAL A 260 3.08 0.62 -1.12
CA VAL A 260 2.14 -0.19 -1.90
C VAL A 260 1.69 0.57 -3.15
N VAL A 261 1.91 -0.06 -4.31
CA VAL A 261 1.61 0.58 -5.59
C VAL A 261 0.44 -0.11 -6.30
N SER A 262 -0.56 0.68 -6.68
CA SER A 262 -1.74 0.14 -7.34
CA SER A 262 -1.75 0.16 -7.34
C SER A 262 -1.55 0.10 -8.85
N ALA A 263 -0.76 1.03 -9.38
CA ALA A 263 -0.52 1.11 -10.81
C ALA A 263 0.84 1.76 -11.11
N GLY A 264 1.50 1.28 -12.16
CA GLY A 264 2.78 1.84 -12.55
C GLY A 264 3.55 0.94 -13.50
N ASP A 265 4.64 1.46 -14.04
CA ASP A 265 5.50 0.68 -14.93
C ASP A 265 6.74 0.20 -14.20
N VAL A 266 6.95 -1.12 -14.21
CA VAL A 266 8.05 -1.72 -13.47
C VAL A 266 9.26 -2.01 -14.36
N VAL A 267 10.43 -1.57 -13.91
CA VAL A 267 11.68 -1.89 -14.57
C VAL A 267 12.59 -2.68 -13.63
N HIS A 268 12.91 -3.91 -14.02
CA HIS A 268 13.79 -4.76 -13.22
C HIS A 268 15.23 -4.26 -13.33
N LEU A 269 15.86 -4.04 -12.17
CA LEU A 269 17.18 -3.42 -12.14
C LEU A 269 18.31 -4.42 -11.98
N ARG A 270 19.54 -3.93 -12.04
CA ARG A 270 20.73 -4.77 -11.87
C ARG A 270 20.82 -5.34 -10.47
N ARG B 8 14.05 29.91 32.49
CA ARG B 8 12.78 29.18 32.57
C ARG B 8 12.81 28.14 33.68
N ASP B 9 13.91 28.10 34.42
CA ASP B 9 14.08 27.11 35.48
C ASP B 9 13.10 27.38 36.63
N ARG B 10 12.70 28.63 36.77
CA ARG B 10 11.71 29.02 37.76
C ARG B 10 10.35 28.39 37.47
N LEU B 11 10.05 28.23 36.19
CA LEU B 11 8.77 27.67 35.75
C LEU B 11 8.78 26.15 35.70
N ARG B 12 9.83 25.54 36.25
CA ARG B 12 9.97 24.09 36.18
C ARG B 12 10.12 23.42 37.54
N PRO B 13 9.03 23.33 38.32
CA PRO B 13 9.06 22.56 39.56
C PRO B 13 8.98 21.06 39.27
N PRO B 14 9.51 20.22 40.18
CA PRO B 14 9.48 18.78 39.98
C PRO B 14 8.07 18.20 40.01
N LEU B 15 7.90 17.00 39.47
CA LEU B 15 6.61 16.32 39.48
C LEU B 15 6.32 15.73 40.85
N ASP B 16 5.04 15.70 41.22
CA ASP B 16 4.62 15.08 42.47
C ASP B 16 4.14 13.66 42.19
N GLU B 17 5.02 12.69 42.44
CA GLU B 17 4.71 11.29 42.17
C GLU B 17 3.56 10.79 43.03
N ARG B 18 3.56 11.18 44.30
CA ARG B 18 2.53 10.75 45.23
C ARG B 18 1.15 11.30 44.84
N SER B 19 1.12 12.54 44.38
CA SER B 19 -0.12 13.16 43.95
C SER B 19 -0.68 12.45 42.72
N LEU B 20 0.20 12.13 41.77
CA LEU B 20 -0.21 11.44 40.55
C LEU B 20 -0.76 10.05 40.86
N ARG B 21 -0.12 9.35 41.80
CA ARG B 21 -0.57 8.02 42.20
C ARG B 21 -1.94 8.06 42.86
N ASP B 22 -2.16 9.03 43.75
CA ASP B 22 -3.43 9.16 44.45
C ASP B 22 -4.57 9.47 43.48
N GLN B 23 -4.26 10.26 42.45
CA GLN B 23 -5.29 10.71 41.51
C GLN B 23 -5.65 9.64 40.48
N LEU B 24 -4.66 8.85 40.05
CA LEU B 24 -4.83 7.99 38.88
C LEU B 24 -4.82 6.50 39.18
N ILE B 25 -3.87 6.06 39.99
CA ILE B 25 -3.59 4.64 40.16
C ILE B 25 -4.62 3.95 41.06
N GLY B 26 -5.53 3.20 40.44
CA GLY B 26 -6.58 2.50 41.17
C GLY B 26 -7.75 3.41 41.49
N ALA B 27 -7.67 4.66 41.02
CA ALA B 27 -8.70 5.65 41.32
C ALA B 27 -9.31 6.24 40.05
N GLY B 28 -8.71 7.34 39.59
CA GLY B 28 -9.24 8.06 38.44
C GLY B 28 -8.93 7.44 37.09
N SER B 29 -8.22 6.31 37.10
CA SER B 29 -7.86 5.63 35.87
C SER B 29 -7.63 4.14 36.08
N GLY B 30 -7.46 3.41 34.99
CA GLY B 30 -7.20 1.99 35.03
C GLY B 30 -5.73 1.63 35.12
N TRP B 31 -4.86 2.64 35.08
CA TRP B 31 -3.43 2.41 35.25
C TRP B 31 -3.16 1.82 36.63
N ARG B 32 -2.29 0.82 36.69
CA ARG B 32 -2.10 0.05 37.92
C ARG B 32 -0.76 0.28 38.59
N GLN B 33 0.12 1.03 37.94
CA GLN B 33 1.43 1.36 38.50
C GLN B 33 2.02 2.61 37.87
N LEU B 34 2.55 3.50 38.70
CA LEU B 34 3.16 4.72 38.21
C LEU B 34 4.45 5.03 38.98
N ASP B 35 5.52 5.32 38.24
CA ASP B 35 6.79 5.68 38.84
C ASP B 35 7.39 6.90 38.14
N VAL B 36 7.93 7.81 38.94
CA VAL B 36 8.65 8.97 38.41
C VAL B 36 10.13 8.84 38.74
N VAL B 37 10.97 8.83 37.71
CA VAL B 37 12.41 8.78 37.91
C VAL B 37 13.03 10.12 37.57
N ALA B 38 14.11 10.47 38.27
CA ALA B 38 14.77 11.75 38.07
C ALA B 38 15.50 11.82 36.73
N GLN B 39 16.12 10.72 36.36
CA GLN B 39 16.91 10.68 35.12
C GLN B 39 17.08 9.25 34.61
N THR B 40 16.95 9.08 33.30
CA THR B 40 17.17 7.78 32.66
C THR B 40 17.58 7.99 31.21
N GLY B 41 18.00 6.92 30.55
CA GLY B 41 18.38 6.99 29.16
C GLY B 41 17.17 7.13 28.26
N SER B 42 16.22 6.21 28.41
CA SER B 42 14.99 6.22 27.63
C SER B 42 13.89 5.45 28.36
N THR B 43 12.76 6.11 28.57
CA THR B 43 11.63 5.48 29.26
C THR B 43 11.07 4.32 28.45
N ASN B 44 11.11 4.45 27.12
CA ASN B 44 10.69 3.36 26.26
C ASN B 44 11.59 2.15 26.43
N ALA B 45 12.91 2.38 26.44
CA ALA B 45 13.88 1.30 26.61
C ALA B 45 13.71 0.59 27.96
N ASP B 46 13.38 1.36 29.00
CA ASP B 46 13.24 0.82 30.33
C ASP B 46 12.06 -0.13 30.46
N LEU B 47 10.92 0.26 29.90
CA LEU B 47 9.73 -0.60 29.93
C LEU B 47 9.91 -1.82 29.04
N LEU B 48 10.62 -1.63 27.92
CA LEU B 48 10.94 -2.75 27.03
C LEU B 48 11.82 -3.75 27.76
N ALA B 49 12.74 -3.24 28.58
CA ALA B 49 13.65 -4.09 29.36
C ALA B 49 12.91 -4.85 30.44
N ARG B 50 11.89 -4.22 31.02
CA ARG B 50 11.06 -4.88 32.03
C ARG B 50 10.32 -6.07 31.42
N ALA B 51 9.74 -5.85 30.25
CA ALA B 51 9.00 -6.89 29.56
C ALA B 51 9.92 -8.05 29.17
N ALA B 52 11.14 -7.71 28.77
CA ALA B 52 12.13 -8.71 28.39
C ALA B 52 12.57 -9.55 29.59
N SER B 53 12.49 -8.97 30.78
CA SER B 53 12.88 -9.68 31.99
C SER B 53 11.78 -10.64 32.45
N GLY B 54 10.58 -10.46 31.92
CA GLY B 54 9.47 -11.33 32.25
C GLY B 54 8.39 -10.65 33.06
N ALA B 55 8.48 -9.32 33.18
CA ALA B 55 7.50 -8.56 33.93
C ALA B 55 6.34 -8.12 33.04
N ASP B 56 5.12 -8.23 33.56
CA ASP B 56 3.94 -7.79 32.84
C ASP B 56 3.80 -6.27 32.98
N ILE B 57 3.91 -5.57 31.86
CA ILE B 57 3.91 -4.12 31.88
C ILE B 57 2.60 -3.49 31.45
N ASP B 58 1.57 -4.32 31.27
CA ASP B 58 0.25 -3.81 30.90
C ASP B 58 -0.31 -2.93 32.02
N GLY B 59 -0.60 -1.68 31.68
CA GLY B 59 -1.16 -0.74 32.64
C GLY B 59 -0.10 -0.07 33.50
N VAL B 60 1.15 -0.24 33.13
CA VAL B 60 2.27 0.32 33.88
C VAL B 60 2.73 1.66 33.29
N VAL B 61 2.93 2.65 34.15
CA VAL B 61 3.33 3.98 33.72
C VAL B 61 4.71 4.35 34.24
N LEU B 62 5.57 4.85 33.36
CA LEU B 62 6.90 5.31 33.75
C LEU B 62 7.16 6.73 33.25
N ILE B 63 7.45 7.65 34.17
CA ILE B 63 7.70 9.04 33.83
C ILE B 63 9.12 9.45 34.24
N ALA B 64 9.79 10.23 33.40
CA ALA B 64 11.13 10.70 33.71
C ALA B 64 11.23 12.22 33.66
N GLU B 65 11.86 12.80 34.67
CA GLU B 65 12.09 14.24 34.69
C GLU B 65 13.09 14.63 33.62
N HIS B 66 14.10 13.78 33.43
CA HIS B 66 15.13 14.01 32.43
C HIS B 66 15.37 12.75 31.61
N GLN B 67 15.57 12.93 30.31
CA GLN B 67 15.87 11.81 29.41
C GLN B 67 17.11 12.15 28.60
N THR B 68 18.21 11.45 28.90
CA THR B 68 19.52 11.81 28.34
C THR B 68 19.75 11.28 26.92
N ALA B 69 19.18 10.13 26.62
CA ALA B 69 19.36 9.52 25.30
C ALA B 69 18.02 9.05 24.73
N GLY B 70 17.11 10.01 24.53
CA GLY B 70 15.77 9.70 24.05
C GLY B 70 15.74 9.07 22.67
N ARG B 71 14.69 8.31 22.41
CA ARG B 71 14.51 7.64 21.13
C ARG B 71 13.46 8.33 20.26
N GLY B 72 13.82 8.59 19.01
CA GLY B 72 12.85 9.03 18.02
C GLY B 72 12.54 7.83 17.14
N ARG B 73 11.69 8.02 16.13
CA ARG B 73 11.37 6.92 15.23
C ARG B 73 12.46 6.77 14.17
N HIS B 74 12.61 5.55 13.66
CA HIS B 74 13.56 5.24 12.59
C HIS B 74 15.00 5.56 12.98
N GLY B 75 15.37 5.23 14.22
CA GLY B 75 16.74 5.39 14.67
C GLY B 75 17.11 6.81 15.06
N ARG B 76 16.17 7.74 14.87
CA ARG B 76 16.40 9.13 15.23
C ARG B 76 16.36 9.29 16.74
N GLY B 77 16.70 10.49 17.23
CA GLY B 77 16.74 10.73 18.66
C GLY B 77 15.64 11.66 19.15
N TRP B 78 15.61 11.86 20.46
CA TRP B 78 14.69 12.80 21.08
C TRP B 78 15.42 13.58 22.17
N ALA B 79 15.47 14.89 22.02
CA ALA B 79 16.21 15.74 22.95
C ALA B 79 15.30 16.30 24.04
N ALA B 80 15.87 16.55 25.21
CA ALA B 80 15.11 17.11 26.33
C ALA B 80 16.03 17.67 27.40
N THR B 81 15.54 18.69 28.11
CA THR B 81 16.23 19.19 29.29
C THR B 81 15.38 18.85 30.51
N ALA B 82 16.00 18.89 31.70
CA ALA B 82 15.35 18.46 32.92
C ALA B 82 14.09 19.28 33.23
N ARG B 83 13.01 18.57 33.54
CA ARG B 83 11.75 19.17 34.00
C ARG B 83 11.12 20.14 33.00
N ALA B 84 11.50 20.03 31.73
CA ALA B 84 10.97 20.92 30.70
C ALA B 84 9.88 20.24 29.87
N GLN B 85 9.80 18.91 30.00
CA GLN B 85 8.82 18.15 29.23
C GLN B 85 8.05 17.18 30.12
N ILE B 86 6.95 16.66 29.58
CA ILE B 86 6.31 15.48 30.14
C ILE B 86 6.83 14.28 29.34
N ILE B 87 7.67 13.49 29.99
CA ILE B 87 8.35 12.37 29.34
C ILE B 87 7.88 11.06 29.94
N LEU B 88 7.02 10.34 29.22
CA LEU B 88 6.46 9.11 29.78
C LEU B 88 6.31 7.99 28.76
N SER B 89 6.26 6.76 29.28
CA SER B 89 5.97 5.58 28.48
C SER B 89 4.95 4.73 29.21
N VAL B 90 4.04 4.10 28.47
CA VAL B 90 3.07 3.20 29.07
C VAL B 90 3.09 1.83 28.38
N GLY B 91 2.77 0.79 29.15
CA GLY B 91 2.73 -0.56 28.62
C GLY B 91 1.32 -0.98 28.27
N VAL B 92 1.16 -1.60 27.11
CA VAL B 92 -0.15 -1.99 26.61
C VAL B 92 -0.15 -3.40 26.04
N ARG B 93 -0.99 -4.28 26.59
CA ARG B 93 -1.13 -5.63 26.06
C ARG B 93 -1.96 -5.60 24.78
N VAL B 94 -1.39 -6.12 23.69
CA VAL B 94 -2.01 -5.99 22.38
C VAL B 94 -2.24 -7.32 21.65
N VAL B 95 -1.89 -8.42 22.31
CA VAL B 95 -1.91 -9.73 21.67
C VAL B 95 -3.33 -10.18 21.29
N ASP B 96 -4.33 -9.66 21.98
CA ASP B 96 -5.72 -10.03 21.72
C ASP B 96 -6.34 -9.14 20.65
N VAL B 97 -5.55 -8.19 20.15
CA VAL B 97 -5.98 -7.32 19.06
C VAL B 97 -5.24 -7.70 17.78
N PRO B 98 -5.97 -7.81 16.66
CA PRO B 98 -5.38 -8.15 15.35
C PRO B 98 -4.13 -7.31 15.04
N VAL B 99 -3.08 -7.97 14.56
CA VAL B 99 -1.79 -7.34 14.36
C VAL B 99 -1.85 -6.14 13.40
N GLN B 100 -2.72 -6.24 12.40
CA GLN B 100 -2.82 -5.19 11.39
C GLN B 100 -3.36 -3.87 11.96
N ALA B 101 -3.92 -3.92 13.17
CA ALA B 101 -4.51 -2.72 13.78
C ALA B 101 -3.56 -2.07 14.78
N TRP B 102 -2.39 -2.68 14.99
CA TRP B 102 -1.45 -2.17 15.98
C TRP B 102 -0.89 -0.80 15.60
N GLY B 103 -0.93 -0.48 14.30
CA GLY B 103 -0.40 0.77 13.81
C GLY B 103 -1.22 1.99 14.17
N TRP B 104 -2.39 1.76 14.76
CA TRP B 104 -3.29 2.85 15.14
C TRP B 104 -3.08 3.31 16.58
N LEU B 105 -2.24 2.59 17.32
CA LEU B 105 -1.96 2.94 18.71
C LEU B 105 -1.23 4.28 18.81
N SER B 106 -0.23 4.46 17.95
CA SER B 106 0.53 5.70 17.93
C SER B 106 -0.36 6.88 17.56
N LEU B 107 -1.26 6.66 16.60
CA LEU B 107 -2.18 7.70 16.16
C LEU B 107 -3.16 8.05 17.27
N ALA B 108 -3.57 7.04 18.03
CA ALA B 108 -4.48 7.24 19.15
C ALA B 108 -3.81 8.05 20.26
N ALA B 109 -2.53 7.80 20.47
CA ALA B 109 -1.77 8.51 21.50
C ALA B 109 -1.62 9.99 21.16
N GLY B 110 -1.41 10.28 19.89
CA GLY B 110 -1.29 11.66 19.44
C GLY B 110 -2.58 12.43 19.65
N LEU B 111 -3.69 11.73 19.47
CA LEU B 111 -5.01 12.31 19.67
C LEU B 111 -5.25 12.63 21.15
N ALA B 112 -4.76 11.75 22.03
CA ALA B 112 -4.90 11.97 23.47
C ALA B 112 -4.06 13.16 23.93
N VAL B 113 -2.89 13.33 23.35
CA VAL B 113 -2.03 14.46 23.69
C VAL B 113 -2.69 15.77 23.27
N LEU B 114 -3.23 15.81 22.06
CA LEU B 114 -3.89 17.00 21.54
C LEU B 114 -5.07 17.43 22.41
N ASP B 115 -5.86 16.46 22.84
CA ASP B 115 -7.04 16.75 23.66
C ASP B 115 -6.66 17.19 25.07
N SER B 116 -5.51 16.71 25.56
CA SER B 116 -5.07 17.01 26.91
C SER B 116 -4.58 18.47 27.03
N VAL B 117 -4.07 19.01 25.93
CA VAL B 117 -3.53 20.36 25.94
C VAL B 117 -4.45 21.37 25.25
N ALA B 118 -5.53 20.86 24.66
CA ALA B 118 -6.48 21.70 23.93
C ALA B 118 -7.14 22.80 24.77
N PRO B 119 -7.59 22.48 26.01
CA PRO B 119 -8.20 23.58 26.77
C PRO B 119 -7.18 24.56 27.36
N LEU B 120 -5.93 24.46 26.97
CA LEU B 120 -4.88 25.35 27.49
C LEU B 120 -4.46 26.40 26.47
N ILE B 121 -4.44 26.01 25.20
CA ILE B 121 -3.99 26.91 24.14
C ILE B 121 -5.15 27.75 23.60
N GLU B 127 -2.69 26.01 12.41
CA GLU B 127 -1.88 24.81 12.23
C GLU B 127 -1.75 24.02 13.53
N THR B 128 -2.89 23.77 14.17
CA THR B 128 -2.91 22.98 15.39
C THR B 128 -3.69 21.69 15.17
N GLY B 129 -3.00 20.56 15.25
CA GLY B 129 -3.62 19.27 15.04
C GLY B 129 -2.61 18.14 14.98
N LEU B 130 -2.93 17.11 14.20
CA LEU B 130 -2.10 15.93 14.12
C LEU B 130 -1.43 15.79 12.74
N LYS B 131 -0.12 15.57 12.75
CA LYS B 131 0.63 15.36 11.52
C LYS B 131 1.14 13.93 11.46
N TRP B 132 0.65 13.19 10.46
CA TRP B 132 0.99 11.77 10.30
C TRP B 132 2.49 11.56 10.10
N PRO B 133 3.05 10.54 10.76
CA PRO B 133 2.36 9.64 11.68
C PRO B 133 2.74 9.81 13.16
N ASN B 134 3.68 10.71 13.46
CA ASN B 134 4.23 10.79 14.82
C ASN B 134 4.09 12.14 15.50
N ASP B 135 3.50 13.12 14.82
CA ASP B 135 3.57 14.50 15.27
C ASP B 135 2.27 15.09 15.82
N VAL B 136 2.42 15.89 16.86
CA VAL B 136 1.35 16.77 17.34
C VAL B 136 1.80 18.21 17.12
N LEU B 137 1.10 18.93 16.25
CA LEU B 137 1.51 20.27 15.86
C LEU B 137 0.68 21.37 16.49
N ALA B 138 1.31 22.52 16.70
CA ALA B 138 0.63 23.72 17.16
C ALA B 138 1.36 24.94 16.62
N ARG B 139 0.64 25.76 15.86
CA ARG B 139 1.22 26.94 15.20
C ARG B 139 2.39 26.55 14.30
N GLY B 140 2.29 25.37 13.68
CA GLY B 140 3.30 24.90 12.76
C GLY B 140 4.47 24.18 13.41
N GLY B 141 4.60 24.35 14.72
CA GLY B 141 5.71 23.76 15.46
C GLY B 141 5.37 22.41 16.06
N LYS B 142 6.37 21.56 16.24
CA LYS B 142 6.16 20.24 16.82
C LYS B 142 6.05 20.33 18.34
N LEU B 143 4.84 20.15 18.85
CA LEU B 143 4.56 20.26 20.27
C LEU B 143 4.84 18.94 20.99
N ALA B 144 4.67 17.83 20.30
CA ALA B 144 4.88 16.52 20.89
C ALA B 144 5.22 15.44 19.86
N GLY B 145 5.97 14.44 20.29
CA GLY B 145 6.32 13.31 19.44
C GLY B 145 5.91 12.01 20.10
N ILE B 146 5.46 11.06 19.28
CA ILE B 146 4.96 9.78 19.80
C ILE B 146 5.70 8.61 19.16
N LEU B 147 6.12 7.66 20.00
CA LEU B 147 6.83 6.49 19.51
C LEU B 147 6.28 5.19 20.11
N ALA B 148 5.84 4.29 19.26
CA ALA B 148 5.35 2.98 19.70
C ALA B 148 6.34 1.89 19.30
N GLU B 149 6.67 1.03 20.26
CA GLU B 149 7.61 -0.06 20.02
C GLU B 149 7.00 -1.39 20.43
N VAL B 150 7.18 -2.41 19.60
CA VAL B 150 6.53 -3.70 19.80
C VAL B 150 7.40 -4.68 20.58
N ALA B 151 6.84 -5.22 21.66
CA ALA B 151 7.48 -6.29 22.42
C ALA B 151 6.41 -7.26 22.89
N GLN B 152 6.01 -8.16 22.00
CA GLN B 152 4.90 -9.08 22.23
C GLN B 152 5.01 -9.79 23.58
N PRO B 153 3.87 -9.89 24.30
CA PRO B 153 2.54 -9.47 23.87
C PRO B 153 2.22 -8.00 24.15
N PHE B 154 3.25 -7.17 24.29
CA PHE B 154 3.04 -5.78 24.65
C PHE B 154 3.46 -4.79 23.56
N VAL B 155 2.94 -3.57 23.67
CA VAL B 155 3.42 -2.44 22.91
C VAL B 155 3.78 -1.33 23.89
N VAL B 156 5.00 -0.82 23.80
CA VAL B 156 5.42 0.28 24.65
C VAL B 156 5.14 1.60 23.94
N LEU B 157 4.32 2.43 24.56
CA LEU B 157 3.85 3.68 23.96
C LEU B 157 4.49 4.87 24.66
N GLY B 158 5.35 5.59 23.94
CA GLY B 158 6.08 6.71 24.52
C GLY B 158 5.64 8.06 24.01
N VAL B 159 5.56 9.03 24.92
CA VAL B 159 5.12 10.38 24.58
C VAL B 159 6.11 11.42 25.10
N GLY B 160 6.53 12.32 24.21
CA GLY B 160 7.39 13.43 24.61
C GLY B 160 6.68 14.74 24.33
N LEU B 161 6.21 15.40 25.39
CA LEU B 161 5.45 16.63 25.26
C LEU B 161 6.21 17.84 25.79
N ASN B 162 6.50 18.78 24.89
CA ASN B 162 7.19 20.01 25.30
C ASN B 162 6.30 20.92 26.12
N VAL B 163 6.65 21.11 27.38
CA VAL B 163 5.86 21.95 28.28
C VAL B 163 6.44 23.36 28.37
N THR B 164 7.67 23.47 28.84
CA THR B 164 8.36 24.75 28.89
C THR B 164 9.66 24.66 28.08
N GLN B 165 9.78 23.61 27.29
CA GLN B 165 10.98 23.34 26.51
C GLN B 165 11.21 24.39 25.43
N ALA B 166 12.38 25.01 25.45
CA ALA B 166 12.74 25.99 24.44
C ALA B 166 13.25 25.29 23.19
N PRO B 167 12.80 25.76 22.00
CA PRO B 167 13.23 25.22 20.71
C PRO B 167 14.74 25.20 20.54
N GLU B 168 15.41 26.21 21.11
CA GLU B 168 16.87 26.30 21.02
C GLU B 168 17.54 25.18 21.80
N GLU B 169 16.80 24.55 22.69
CA GLU B 169 17.35 23.51 23.55
C GLU B 169 17.23 22.11 22.94
N VAL B 170 16.30 21.92 22.01
CA VAL B 170 16.02 20.59 21.49
C VAL B 170 15.98 20.50 19.96
N ASP B 171 15.26 21.42 19.32
CA ASP B 171 15.07 21.38 17.87
C ASP B 171 14.48 22.70 17.38
N PRO B 172 15.04 23.26 16.29
CA PRO B 172 14.61 24.56 15.78
C PRO B 172 13.16 24.57 15.28
N ASP B 173 12.60 23.40 15.02
CA ASP B 173 11.23 23.30 14.51
C ASP B 173 10.26 22.94 15.64
N ALA B 174 10.76 22.95 16.88
CA ALA B 174 9.95 22.58 18.03
C ALA B 174 9.17 23.76 18.59
N THR B 175 8.18 23.46 19.43
CA THR B 175 7.44 24.48 20.16
C THR B 175 6.97 23.89 21.49
N SER B 176 6.55 24.74 22.41
CA SER B 176 6.07 24.28 23.71
C SER B 176 4.84 25.07 24.16
N LEU B 177 4.18 24.57 25.20
CA LEU B 177 3.00 25.24 25.74
C LEU B 177 3.33 26.66 26.20
N LEU B 178 4.50 26.81 26.81
CA LEU B 178 4.96 28.11 27.28
C LEU B 178 5.15 29.07 26.10
N ASP B 179 5.75 28.57 25.03
CA ASP B 179 5.97 29.37 23.83
C ASP B 179 4.67 29.63 23.07
N LEU B 180 3.63 28.87 23.40
CA LEU B 180 2.33 29.02 22.77
C LEU B 180 1.43 30.00 23.51
N GLY B 181 1.88 30.48 24.66
CA GLY B 181 1.15 31.49 25.39
C GLY B 181 0.68 31.07 26.78
N VAL B 182 0.85 29.80 27.12
CA VAL B 182 0.50 29.33 28.46
C VAL B 182 1.47 29.90 29.48
N ALA B 183 0.96 30.80 30.34
CA ALA B 183 1.80 31.55 31.28
C ALA B 183 2.60 30.66 32.21
N ALA B 184 1.92 29.82 32.99
CA ALA B 184 2.58 28.94 33.93
C ALA B 184 1.98 27.54 33.89
N PRO B 185 2.48 26.69 32.98
CA PRO B 185 1.96 25.33 32.80
C PRO B 185 2.18 24.45 34.03
N ASP B 186 1.13 23.76 34.45
CA ASP B 186 1.21 22.84 35.58
C ASP B 186 1.43 21.42 35.05
N ARG B 187 2.66 20.94 35.13
CA ARG B 187 3.01 19.63 34.58
C ARG B 187 2.25 18.49 35.25
N ASN B 188 2.00 18.62 36.55
CA ASN B 188 1.27 17.59 37.28
C ASN B 188 -0.16 17.44 36.78
N ARG B 189 -0.84 18.57 36.60
CA ARG B 189 -2.22 18.57 36.12
C ARG B 189 -2.33 18.11 34.68
N ILE B 190 -1.37 18.53 33.85
CA ILE B 190 -1.36 18.15 32.44
C ILE B 190 -1.07 16.66 32.28
N ALA B 191 -0.12 16.15 33.05
CA ALA B 191 0.23 14.74 32.99
C ALA B 191 -0.93 13.87 33.46
N SER B 192 -1.62 14.34 34.51
CA SER B 192 -2.78 13.61 35.03
C SER B 192 -3.87 13.52 33.97
N ARG B 193 -4.13 14.63 33.30
CA ARG B 193 -5.14 14.67 32.24
C ARG B 193 -4.71 13.82 31.06
N LEU B 194 -3.42 13.89 30.72
CA LEU B 194 -2.87 13.14 29.60
C LEU B 194 -3.05 11.64 29.78
N LEU B 195 -2.78 11.15 30.98
CA LEU B 195 -2.88 9.72 31.25
C LEU B 195 -4.34 9.25 31.22
N ARG B 196 -5.26 10.12 31.59
CA ARG B 196 -6.68 9.78 31.49
C ARG B 196 -7.12 9.74 30.03
N GLU B 197 -6.66 10.71 29.25
CA GLU B 197 -6.99 10.75 27.82
C GLU B 197 -6.37 9.56 27.09
N LEU B 198 -5.15 9.19 27.49
CA LEU B 198 -4.47 8.05 26.91
C LEU B 198 -5.24 6.76 27.12
N GLU B 199 -5.73 6.55 28.34
CA GLU B 199 -6.50 5.35 28.64
C GLU B 199 -7.77 5.29 27.78
N ALA B 200 -8.43 6.43 27.63
CA ALA B 200 -9.66 6.50 26.85
C ALA B 200 -9.44 6.10 25.40
N ARG B 201 -8.36 6.61 24.81
CA ARG B 201 -8.06 6.34 23.40
C ARG B 201 -7.57 4.92 23.18
N ILE B 202 -6.85 4.37 24.15
CA ILE B 202 -6.35 3.00 24.06
C ILE B 202 -7.52 2.02 24.11
N ILE B 203 -8.46 2.28 25.00
CA ILE B 203 -9.64 1.44 25.14
C ILE B 203 -10.52 1.52 23.89
N GLN B 204 -10.63 2.71 23.31
CA GLN B 204 -11.33 2.89 22.05
C GLN B 204 -10.67 2.06 20.94
N TRP B 205 -9.34 2.06 20.95
CA TRP B 205 -8.56 1.28 19.99
C TRP B 205 -8.76 -0.22 20.21
N ARG B 206 -8.76 -0.62 21.48
CA ARG B 206 -8.90 -2.02 21.83
CA ARG B 206 -8.90 -2.02 21.86
C ARG B 206 -10.26 -2.58 21.46
N ASN B 207 -11.31 -1.83 21.79
CA ASN B 207 -12.67 -2.27 21.52
C ASN B 207 -13.13 -1.91 20.11
N ALA B 208 -12.19 -1.48 19.28
CA ALA B 208 -12.45 -1.10 17.90
C ALA B 208 -13.55 -0.04 17.80
N ASN B 209 -13.54 0.91 18.74
CA ASN B 209 -14.49 2.01 18.73
C ASN B 209 -14.28 2.89 17.51
N PRO B 210 -15.33 3.04 16.69
CA PRO B 210 -15.28 3.82 15.44
C PRO B 210 -14.94 5.29 15.65
N GLN B 211 -15.15 5.80 16.86
CA GLN B 211 -14.91 7.21 17.15
C GLN B 211 -13.42 7.55 17.11
N LEU B 212 -12.57 6.53 17.24
CA LEU B 212 -11.12 6.73 17.21
C LEU B 212 -10.66 7.23 15.84
N ALA B 213 -10.96 6.45 14.81
CA ALA B 213 -10.57 6.81 13.44
C ALA B 213 -11.31 8.05 12.96
N ALA B 214 -12.50 8.28 13.52
CA ALA B 214 -13.30 9.43 13.16
C ALA B 214 -12.70 10.72 13.71
N ASP B 215 -12.29 10.67 14.97
CA ASP B 215 -11.72 11.86 15.63
C ASP B 215 -10.33 12.19 15.11
N TYR B 216 -9.60 11.19 14.62
CA TYR B 216 -8.27 11.43 14.09
C TYR B 216 -8.33 12.22 12.78
N ARG B 217 -9.22 11.79 11.88
CA ARG B 217 -9.36 12.45 10.59
C ARG B 217 -9.84 13.88 10.74
N ALA B 218 -10.61 14.14 11.80
CA ALA B 218 -11.15 15.47 12.06
C ALA B 218 -10.06 16.44 12.49
N ARG B 219 -9.06 15.94 13.20
CA ARG B 219 -7.99 16.78 13.73
C ARG B 219 -6.70 16.62 12.93
N SER B 220 -6.79 15.89 11.82
CA SER B 220 -5.62 15.66 10.96
C SER B 220 -5.27 16.88 10.13
N LEU B 221 -4.00 17.27 10.17
CA LEU B 221 -3.51 18.38 9.35
C LEU B 221 -2.96 17.88 8.02
N THR B 222 -2.84 16.56 7.91
CA THR B 222 -2.25 15.94 6.73
C THR B 222 -3.31 15.60 5.68
N ILE B 223 -4.41 15.01 6.12
CA ILE B 223 -5.49 14.60 5.22
C ILE B 223 -6.07 15.77 4.45
N GLY B 224 -6.11 15.64 3.12
CA GLY B 224 -6.67 16.66 2.26
C GLY B 224 -5.63 17.62 1.71
N SER B 225 -4.40 17.46 2.17
CA SER B 225 -3.31 18.34 1.74
CA SER B 225 -3.30 18.34 1.75
C SER B 225 -2.35 17.62 0.81
N ARG B 226 -1.76 18.37 -0.13
CA ARG B 226 -0.72 17.82 -0.99
C ARG B 226 0.53 17.71 -0.12
N VAL B 227 1.10 16.52 -0.05
CA VAL B 227 2.21 16.28 0.86
C VAL B 227 3.41 15.64 0.18
N ARG B 228 4.58 15.82 0.81
CA ARG B 228 5.81 15.19 0.37
C ARG B 228 6.24 14.17 1.41
N VAL B 229 6.14 12.89 1.06
CA VAL B 229 6.54 11.84 1.99
C VAL B 229 7.99 11.44 1.74
N GLU B 230 8.84 11.76 2.71
CA GLU B 230 10.27 11.46 2.58
C GLU B 230 10.57 10.00 2.92
N LEU B 231 11.33 9.35 2.04
CA LEU B 231 11.69 7.95 2.22
C LEU B 231 13.21 7.78 2.11
N PRO B 232 13.75 6.73 2.72
CA PRO B 232 15.19 6.43 2.65
C PRO B 232 15.67 6.28 1.20
N GLY B 233 16.97 6.48 0.99
CA GLY B 233 17.54 6.40 -0.34
C GLY B 233 17.49 7.74 -1.06
N GLY B 234 17.16 8.78 -0.31
CA GLY B 234 17.12 10.13 -0.86
C GLY B 234 16.01 10.34 -1.87
N GLN B 235 14.94 9.55 -1.74
CA GLN B 235 13.81 9.67 -2.66
C GLN B 235 12.51 9.96 -1.90
N ASP B 236 11.57 10.60 -2.59
CA ASP B 236 10.34 11.04 -1.96
C ASP B 236 9.12 10.81 -2.86
N VAL B 237 7.95 10.70 -2.24
CA VAL B 237 6.70 10.53 -2.97
C VAL B 237 5.74 11.68 -2.69
N VAL B 238 5.33 12.38 -3.73
CA VAL B 238 4.40 13.49 -3.60
C VAL B 238 3.01 13.10 -4.08
N GLY B 239 1.99 13.43 -3.28
CA GLY B 239 0.62 13.16 -3.64
C GLY B 239 -0.35 13.82 -2.68
N ILE B 240 -1.64 13.65 -2.94
CA ILE B 240 -2.67 14.18 -2.04
C ILE B 240 -3.01 13.16 -0.97
N ALA B 241 -2.83 13.54 0.29
CA ALA B 241 -3.20 12.67 1.40
C ALA B 241 -4.71 12.51 1.47
N ARG B 242 -5.21 11.35 1.08
CA ARG B 242 -6.64 11.11 0.97
C ARG B 242 -7.24 10.47 2.22
N ASP B 243 -6.53 9.52 2.81
CA ASP B 243 -7.05 8.81 3.98
C ASP B 243 -5.98 8.03 4.74
N ILE B 244 -6.38 7.45 5.86
CA ILE B 244 -5.54 6.53 6.63
C ILE B 244 -6.22 5.18 6.69
N ASP B 245 -5.55 4.12 6.23
CA ASP B 245 -6.19 2.81 6.17
C ASP B 245 -6.28 2.15 7.54
N ASP B 246 -6.78 0.92 7.56
CA ASP B 246 -7.00 0.20 8.82
C ASP B 246 -5.68 -0.22 9.48
N GLN B 247 -4.57 -0.04 8.78
CA GLN B 247 -3.27 -0.37 9.33
C GLN B 247 -2.52 0.86 9.81
N GLY B 248 -3.17 2.02 9.69
CA GLY B 248 -2.57 3.27 10.13
C GLY B 248 -1.62 3.84 9.10
N ARG B 249 -1.68 3.33 7.88
CA ARG B 249 -0.80 3.77 6.81
C ARG B 249 -1.43 4.90 6.01
N LEU B 250 -0.58 5.73 5.39
CA LEU B 250 -1.06 6.89 4.66
C LEU B 250 -1.43 6.54 3.22
N CYS B 251 -2.67 6.84 2.85
CA CYS B 251 -3.14 6.59 1.49
C CYS B 251 -3.03 7.86 0.65
N LEU B 252 -2.17 7.81 -0.36
CA LEU B 252 -1.91 8.97 -1.21
C LEU B 252 -2.59 8.87 -2.58
N ASP B 253 -3.04 10.01 -3.08
CA ASP B 253 -3.47 10.11 -4.47
C ASP B 253 -2.29 10.57 -5.32
N VAL B 254 -1.73 9.64 -6.10
CA VAL B 254 -0.60 9.94 -6.96
C VAL B 254 -0.96 9.75 -8.43
N GLY B 255 -1.19 10.86 -9.12
CA GLY B 255 -1.51 10.81 -10.54
C GLY B 255 -2.85 10.18 -10.85
N GLY B 256 -3.73 10.13 -9.86
CA GLY B 256 -5.06 9.59 -10.04
C GLY B 256 -5.23 8.18 -9.50
N ARG B 257 -4.14 7.61 -9.00
CA ARG B 257 -4.17 6.26 -8.44
C ARG B 257 -3.64 6.24 -7.01
N THR B 258 -3.96 5.18 -6.28
CA THR B 258 -3.63 5.10 -4.86
C THR B 258 -2.23 4.55 -4.61
N VAL B 259 -1.48 5.24 -3.76
CA VAL B 259 -0.19 4.75 -3.28
C VAL B 259 -0.19 4.78 -1.75
N VAL B 260 0.12 3.64 -1.13
CA VAL B 260 0.08 3.52 0.32
C VAL B 260 1.49 3.50 0.90
N VAL B 261 1.72 4.31 1.94
CA VAL B 261 3.02 4.38 2.59
C VAL B 261 2.90 4.04 4.08
N SER B 262 3.70 3.07 4.53
CA SER B 262 3.64 2.58 5.91
C SER B 262 4.09 3.63 6.91
N ALA B 263 5.26 4.21 6.68
CA ALA B 263 5.82 5.21 7.59
C ALA B 263 6.84 6.08 6.88
N GLY B 264 6.87 7.36 7.23
CA GLY B 264 7.81 8.29 6.64
C GLY B 264 7.64 9.70 7.18
N ASP B 265 8.56 10.58 6.83
CA ASP B 265 8.50 11.97 7.26
C ASP B 265 7.74 12.82 6.26
N VAL B 266 6.64 13.42 6.72
CA VAL B 266 5.75 14.18 5.84
C VAL B 266 6.09 15.66 5.84
N VAL B 267 6.05 16.28 4.66
CA VAL B 267 6.14 17.72 4.54
C VAL B 267 4.87 18.25 3.88
N HIS B 268 4.11 19.05 4.62
CA HIS B 268 2.88 19.62 4.08
C HIS B 268 3.22 20.68 3.04
N LEU B 269 2.82 20.43 1.79
CA LEU B 269 3.11 21.35 0.71
C LEU B 269 2.04 22.43 0.57
N ARG B 270 2.05 23.37 1.50
CA ARG B 270 1.10 24.49 1.49
C ARG B 270 1.59 25.62 2.40
C2 44Q C . 5.17 -5.63 -27.32
C4 44Q C . 4.44 -3.44 -27.68
C5 44Q C . 3.68 -3.88 -28.75
N6 44Q C . 2.96 -5.69 -30.12
C8 44Q C . 3.42 -1.73 -28.53
CBI 44Q C . -5.86 -4.99 -26.02
NAU 44Q C . -5.79 -3.57 -26.36
CBA 44Q C . -6.66 -3.25 -27.31
OAC 44Q C . -6.75 -2.15 -27.84
NAT 44Q C . -7.43 -4.29 -27.61
CBF 44Q C . -6.91 -5.50 -27.02
CAO 44Q C . -6.29 -6.32 -28.14
SAY 44Q C . -4.57 -6.40 -27.82
CBH 44Q C . -4.52 -5.69 -26.21
CAK 44Q C . -3.33 -4.74 -26.02
CAI 44Q C . -3.11 -4.46 -24.54
CAH 44Q C . -1.78 -3.77 -24.28
CAJ 44Q C . -1.52 -3.55 -22.79
CAZ 44Q C . -0.11 -3.05 -22.58
OAB 44Q C . 0.83 -3.83 -22.60
NAV 44Q C . 0.03 -1.75 -22.36
SBK 44Q C . 1.38 -1.17 -21.69
OAD 44Q C . 1.80 -2.02 -20.62
OAE 44Q C . 1.16 0.15 -21.16
NAW 44Q C . 2.57 -1.08 -22.76
CAN 44Q C . 2.33 -0.72 -24.14
CBE 44Q C . 3.69 -0.36 -24.74
OAX 44Q C . 4.33 -1.53 -25.26
CAL 44Q C . 3.58 0.62 -25.89
CAM 44Q C . 4.68 0.20 -26.84
CBG 44Q C . 4.91 -1.27 -26.54
N9 44Q C . 4.27 -2.12 -27.57
N7 44Q C . 3.06 -2.80 -29.27
N3 44Q C . 5.18 -4.33 -26.98
N1 44Q C . 4.44 -6.07 -28.35
C6 44Q C . 3.69 -5.22 -29.09
O1 44Q C . 5.88 0.92 -26.50
C2 44Q D . 10.40 18.54 19.04
C4 44Q D . 12.30 17.25 18.60
C5 44Q D . 12.57 17.19 19.95
N6 44Q D . 11.94 17.79 22.17
C8 44Q D . 14.12 16.10 18.88
CBI 44Q D . 9.70 8.39 23.71
NAU 44Q D . 11.04 8.09 23.25
CBA 44Q D . 11.81 7.62 24.22
OAC 44Q D . 13.00 7.37 24.12
NAT 44Q D . 11.10 7.49 25.34
CBF 44Q D . 9.81 8.11 25.21
CAO 44Q D . 9.84 9.39 26.05
SAY 44Q D . 9.69 10.72 24.91
CBH 44Q D . 9.33 9.84 23.42
CAK 44Q D . 10.05 10.41 22.20
CAI 44Q D . 9.35 9.94 20.94
CAH 44Q D . 9.81 10.71 19.70
CAJ 44Q D . 9.10 10.23 18.44
CAZ 44Q D . 9.38 11.16 17.28
OAB 44Q D . 8.81 12.23 17.20
NAV 44Q D . 10.26 10.74 16.38
SBK 44Q D . 10.34 11.45 14.94
OAD 44Q D . 9.02 11.67 14.43
OAE 44Q D . 11.06 10.63 14.01
NAW 44Q D . 11.08 12.86 15.03
CAN 44Q D . 12.19 13.09 15.94
CBE 44Q D . 12.92 14.33 15.46
OAX 44Q D . 12.33 15.51 16.03
CAL 44Q D . 14.38 14.32 15.87
CAM 44Q D . 14.70 15.79 16.13
CBG 44Q D . 13.36 16.40 16.50
N9 44Q D . 13.26 16.58 17.97
N7 44Q D . 13.71 16.47 20.11
N3 44Q D . 11.22 17.94 18.16
N1 44Q D . 10.63 18.49 20.36
C6 44Q D . 11.71 17.83 20.84
O1 44Q D . 15.16 16.39 14.92
#